data_6WRE
#
_entry.id   6WRE
#
_cell.length_a   50.182
_cell.length_b   87.795
_cell.length_c   53.880
_cell.angle_alpha   90.000
_cell.angle_beta   112.350
_cell.angle_gamma   90.000
#
_symmetry.space_group_name_H-M   'P 1 21 1'
#
loop_
_entity.id
_entity.type
_entity.pdbx_description
1 polymer 'Decapping and exoribonuclease protein'
2 polymer "RNA (5'-R(*UP*(U37)P*(U37)P*UP)-3')"
3 non-polymer 'CALCIUM ION'
4 non-polymer "3'-URIDINEMONOPHOSPHATE"
5 water water
#
loop_
_entity_poly.entity_id
_entity_poly.type
_entity_poly.pdbx_seq_one_letter_code
_entity_poly.pdbx_strand_id
1 'polypeptide(L)'
;MGSSHHHHHHSSGLVPRGSHPSLRTQPSLYSGPFPFYRRPSELGCFSLDAQRQYHGDARALRYYSPPPINGPGPDFDLRD
GYPDRYQPRDEEVQERLDHLLRWVLEHRNQLEGGPGWLAGATVTWRGHLTKLLTTPYERQEGWQLAASRFQGTLYLSEVE
TPAARAQRLARPPLLRELMYMGYKFEQYMCADKPGGSPDPSGEVNTNVAYCSVLRSRLGNHPLLFSGEVDCLNPQAPCTQ
PPSCYVELKTSKEMHSPGQWRSFYRHKLLKWWAQSFLPGVPHVVAGFRNPEGFVCSLKTFPTMEMFENVRNDREGWNPSV
CMNFCAAFLSFAQSTVVQDDPRLVHLFSWEPGGPVTVSVHRDAPYAFLPSWYVETMTQ
;
A
2 'polyribonucleotide' U(U37)(U37)UUU D
#
# COMPACT_ATOMS: atom_id res chain seq x y z
N PRO A 21 14.40 5.22 -24.46
CA PRO A 21 14.98 4.83 -23.16
C PRO A 21 13.97 4.12 -22.28
N SER A 22 14.25 2.88 -21.88
CA SER A 22 13.28 2.08 -21.14
C SER A 22 14.02 1.26 -20.09
N LEU A 23 13.26 0.47 -19.34
CA LEU A 23 13.79 -0.32 -18.24
C LEU A 23 13.14 -1.69 -18.26
N ARG A 24 13.96 -2.74 -18.37
CA ARG A 24 13.48 -4.10 -18.45
C ARG A 24 13.06 -4.61 -17.07
N THR A 25 12.12 -5.55 -17.05
CA THR A 25 11.53 -6.03 -15.81
C THR A 25 11.70 -7.53 -15.56
N GLN A 26 12.47 -8.25 -16.39
CA GLN A 26 12.58 -9.71 -16.23
C GLN A 26 13.30 -10.08 -14.94
N PRO A 27 12.77 -11.01 -14.14
CA PRO A 27 13.42 -11.35 -12.87
C PRO A 27 14.88 -11.74 -12.99
N SER A 28 15.30 -12.34 -14.09
CA SER A 28 16.67 -12.81 -14.20
C SER A 28 17.67 -11.66 -14.14
N LEU A 29 17.26 -10.46 -14.56
CA LEU A 29 18.14 -9.31 -14.51
C LEU A 29 18.35 -8.78 -13.09
N TYR A 30 17.53 -9.21 -12.14
CA TYR A 30 17.54 -8.66 -10.80
C TYR A 30 17.79 -9.74 -9.76
N SER A 31 18.47 -10.83 -10.16
CA SER A 31 18.66 -12.01 -9.34
C SER A 31 19.82 -11.91 -8.36
N GLY A 32 20.32 -10.70 -8.08
CA GLY A 32 21.49 -10.55 -7.25
C GLY A 32 21.22 -10.67 -5.75
N PRO A 33 22.19 -10.25 -4.93
CA PRO A 33 21.97 -10.23 -3.50
C PRO A 33 20.87 -9.24 -3.11
N PHE A 34 20.30 -9.47 -1.94
CA PHE A 34 19.29 -8.56 -1.40
C PHE A 34 19.90 -7.18 -1.12
N PRO A 35 19.27 -6.10 -1.60
CA PRO A 35 19.85 -4.76 -1.40
C PRO A 35 19.58 -4.21 -0.02
N PHE A 36 20.29 -3.13 0.30
CA PHE A 36 20.06 -2.44 1.57
C PHE A 36 18.65 -1.85 1.62
N TYR A 37 17.93 -2.15 2.70
CA TYR A 37 16.64 -1.53 2.96
C TYR A 37 16.62 -1.15 4.42
N ARG A 38 16.49 0.16 4.69
CA ARG A 38 16.58 0.65 6.06
C ARG A 38 15.35 0.22 6.84
N ARG A 39 15.57 -0.19 8.08
CA ARG A 39 14.46 -0.40 9.00
C ARG A 39 13.57 0.84 9.02
N PRO A 40 12.30 0.72 8.65
CA PRO A 40 11.45 1.91 8.53
C PRO A 40 11.14 2.52 9.89
N SER A 41 11.11 3.85 9.94
CA SER A 41 10.73 4.59 11.14
C SER A 41 9.43 5.35 10.88
N GLU A 42 8.55 5.40 11.87
CA GLU A 42 7.33 6.20 11.76
C GLU A 42 7.67 7.65 12.12
N LEU A 43 7.35 8.56 11.19
CA LEU A 43 7.53 10.00 11.40
C LEU A 43 6.27 10.67 11.93
N GLY A 44 5.10 10.08 11.71
CA GLY A 44 3.86 10.69 12.15
C GLY A 44 2.68 9.88 11.64
N CYS A 45 1.53 10.54 11.61
CA CYS A 45 0.33 9.85 11.15
C CYS A 45 -0.72 10.90 10.83
N PHE A 46 -1.73 10.48 10.08
CA PHE A 46 -2.92 11.30 9.91
C PHE A 46 -4.10 10.38 9.68
N SER A 47 -5.29 10.93 9.91
CA SER A 47 -6.56 10.24 9.71
C SER A 47 -7.42 10.96 8.70
N LEU A 48 -8.24 10.18 7.99
CA LEU A 48 -9.33 10.71 7.18
C LEU A 48 -10.64 10.23 7.80
N ASP A 49 -11.59 11.14 7.97
CA ASP A 49 -12.78 10.76 8.72
C ASP A 49 -13.88 10.31 7.76
N ALA A 50 -15.09 10.16 8.29
CA ALA A 50 -16.20 9.63 7.51
C ALA A 50 -16.57 10.51 6.34
N GLN A 51 -16.15 11.78 6.34
CA GLN A 51 -16.39 12.72 5.28
C GLN A 51 -15.16 12.95 4.42
N ARG A 52 -14.14 12.09 4.54
CA ARG A 52 -12.87 12.23 3.82
C ARG A 52 -12.15 13.52 4.20
N GLN A 53 -12.37 14.00 5.42
CA GLN A 53 -11.69 15.19 5.92
C GLN A 53 -10.42 14.80 6.64
N TYR A 54 -9.37 15.57 6.40
CA TYR A 54 -8.05 15.30 6.97
C TYR A 54 -8.00 15.74 8.42
N HIS A 55 -7.36 14.92 9.26
CA HIS A 55 -7.00 15.32 10.61
C HIS A 55 -5.59 14.84 10.90
N GLY A 56 -4.73 15.74 11.38
CA GLY A 56 -3.37 15.37 11.68
C GLY A 56 -3.23 14.67 13.02
N ASP A 57 -3.99 13.60 13.24
CA ASP A 57 -3.91 12.82 14.47
C ASP A 57 -4.36 11.39 14.17
N ALA A 58 -4.36 10.55 15.20
CA ALA A 58 -4.60 9.11 15.05
C ALA A 58 -6.02 8.72 15.41
N ARG A 59 -7.01 9.60 15.17
CA ARG A 59 -8.36 9.34 15.62
C ARG A 59 -9.01 8.15 14.91
N ALA A 60 -8.54 7.78 13.70
CA ALA A 60 -9.10 6.68 12.94
C ALA A 60 -8.42 5.33 13.24
N LEU A 61 -7.37 5.31 14.04
CA LEU A 61 -6.70 4.06 14.36
C LEU A 61 -7.61 3.17 15.19
N ARG A 62 -7.70 1.91 14.81
CA ARG A 62 -8.45 0.95 15.60
C ARG A 62 -7.50 -0.07 16.20
N TYR A 63 -8.04 -0.96 17.03
CA TYR A 63 -7.23 -1.83 17.86
C TYR A 63 -7.61 -3.29 17.64
N TYR A 64 -6.61 -4.12 17.37
CA TYR A 64 -6.79 -5.55 17.16
C TYR A 64 -7.54 -6.18 18.33
N SER A 65 -8.59 -6.93 18.01
CA SER A 65 -9.43 -7.59 19.02
C SER A 65 -9.98 -8.88 18.44
N PRO A 66 -9.17 -9.94 18.44
CA PRO A 66 -9.59 -11.20 17.82
C PRO A 66 -10.61 -11.91 18.67
N PRO A 67 -11.22 -12.97 18.16
CA PRO A 67 -12.24 -13.67 18.94
C PRO A 67 -11.67 -14.14 20.28
N PRO A 68 -12.50 -14.15 21.32
CA PRO A 68 -12.01 -14.55 22.65
C PRO A 68 -11.48 -15.97 22.65
N ILE A 69 -10.50 -16.22 23.52
CA ILE A 69 -9.71 -17.45 23.46
C ILE A 69 -10.57 -18.65 23.81
N ASN A 70 -11.52 -18.48 24.73
CA ASN A 70 -12.35 -19.60 25.20
C ASN A 70 -13.63 -19.79 24.39
N GLY A 71 -14.01 -18.82 23.56
CA GLY A 71 -15.24 -18.90 22.81
C GLY A 71 -15.16 -19.84 21.62
N PRO A 72 -16.20 -19.84 20.79
CA PRO A 72 -16.19 -20.68 19.59
C PRO A 72 -15.30 -20.08 18.50
N GLY A 73 -15.02 -20.90 17.50
CA GLY A 73 -14.28 -20.46 16.34
C GLY A 73 -14.98 -19.32 15.62
N PRO A 74 -14.23 -18.53 14.84
CA PRO A 74 -14.86 -17.43 14.11
C PRO A 74 -15.94 -17.95 13.16
N ASP A 75 -16.97 -17.14 12.99
CA ASP A 75 -18.02 -17.43 12.04
C ASP A 75 -18.52 -16.08 11.50
N PHE A 76 -17.58 -15.23 11.07
CA PHE A 76 -17.89 -13.86 10.67
C PHE A 76 -18.67 -13.86 9.36
N ASP A 77 -19.86 -13.25 9.36
CA ASP A 77 -20.67 -13.14 8.15
C ASP A 77 -20.22 -11.89 7.40
N LEU A 78 -19.42 -12.07 6.35
CA LEU A 78 -18.83 -10.92 5.68
C LEU A 78 -19.82 -10.19 4.79
N ARG A 79 -20.94 -10.81 4.46
CA ARG A 79 -21.96 -10.15 3.66
C ARG A 79 -22.97 -9.38 4.50
N ASP A 80 -22.96 -9.52 5.82
CA ASP A 80 -23.92 -8.80 6.67
C ASP A 80 -23.74 -7.29 6.48
N GLY A 81 -24.85 -6.62 6.15
CA GLY A 81 -24.84 -5.18 5.93
C GLY A 81 -24.67 -4.76 4.48
N TYR A 82 -24.37 -5.67 3.60
CA TYR A 82 -24.25 -5.26 2.21
C TYR A 82 -25.62 -5.27 1.54
N PRO A 83 -26.00 -4.23 0.79
CA PRO A 83 -25.30 -2.94 0.65
C PRO A 83 -25.90 -1.83 1.52
N ASP A 84 -26.87 -2.20 2.35
CA ASP A 84 -27.63 -1.21 3.13
C ASP A 84 -26.73 -0.41 4.06
N ARG A 85 -25.73 -1.03 4.66
CA ARG A 85 -24.85 -0.37 5.62
C ARG A 85 -23.46 -0.15 5.05
N TYR A 86 -23.40 0.14 3.75
CA TYR A 86 -22.16 0.35 3.02
C TYR A 86 -22.12 1.79 2.52
N GLN A 87 -21.09 2.54 2.90
CA GLN A 87 -20.87 3.89 2.38
C GLN A 87 -19.52 3.90 1.68
N PRO A 88 -19.48 3.63 0.38
CA PRO A 88 -18.19 3.51 -0.31
C PRO A 88 -17.61 4.86 -0.70
N ARG A 89 -16.28 4.91 -0.69
CA ARG A 89 -15.58 6.11 -1.14
C ARG A 89 -15.85 6.36 -2.62
N ASP A 90 -16.01 7.64 -2.99
CA ASP A 90 -16.24 7.95 -4.40
C ASP A 90 -14.92 7.87 -5.15
N GLU A 91 -14.79 6.83 -5.97
CA GLU A 91 -13.56 6.53 -6.70
C GLU A 91 -13.32 7.48 -7.86
N GLU A 92 -14.28 8.35 -8.20
CA GLU A 92 -14.02 9.35 -9.22
C GLU A 92 -13.21 10.52 -8.67
N VAL A 93 -13.27 10.77 -7.37
CA VAL A 93 -12.42 11.78 -6.74
C VAL A 93 -10.98 11.25 -6.69
N GLN A 94 -10.08 11.94 -7.38
CA GLN A 94 -8.69 11.51 -7.51
C GLN A 94 -7.83 12.39 -6.61
N GLU A 95 -7.52 11.88 -5.42
CA GLU A 95 -6.81 12.68 -4.43
C GLU A 95 -5.30 12.68 -4.63
N ARG A 96 -4.75 11.69 -5.33
CA ARG A 96 -3.33 11.63 -5.67
C ARG A 96 -2.52 11.76 -4.37
N LEU A 97 -1.52 12.65 -4.31
CA LEU A 97 -0.68 12.76 -3.11
C LEU A 97 -1.19 13.79 -2.11
N ASP A 98 -2.38 14.37 -2.35
CA ASP A 98 -2.78 15.59 -1.64
C ASP A 98 -2.69 15.44 -0.12
N HIS A 99 -3.21 14.34 0.43
CA HIS A 99 -3.21 14.17 1.88
C HIS A 99 -1.79 14.03 2.43
N LEU A 100 -0.92 13.29 1.73
CA LEU A 100 0.46 13.19 2.19
C LEU A 100 1.18 14.53 2.08
N LEU A 101 0.90 15.29 1.02
CA LEU A 101 1.52 16.61 0.85
C LEU A 101 1.15 17.54 2.00
N ARG A 102 -0.09 17.47 2.48
CA ARG A 102 -0.50 18.31 3.61
C ARG A 102 0.26 17.93 4.87
N TRP A 103 0.41 16.63 5.15
CA TRP A 103 1.25 16.21 6.27
C TRP A 103 2.65 16.80 6.13
N VAL A 104 3.25 16.67 4.93
CA VAL A 104 4.60 17.15 4.73
C VAL A 104 4.69 18.64 4.99
N LEU A 105 3.74 19.39 4.43
CA LEU A 105 3.70 20.83 4.63
C LEU A 105 3.64 21.17 6.11
N GLU A 106 2.79 20.47 6.86
CA GLU A 106 2.66 20.76 8.28
C GLU A 106 3.81 20.23 9.11
N HIS A 107 4.79 19.56 8.50
CA HIS A 107 5.92 19.00 9.25
C HIS A 107 7.27 19.35 8.61
N ARG A 108 7.29 20.31 7.69
CA ARG A 108 8.47 20.48 6.83
C ARG A 108 9.69 20.95 7.62
N ASN A 109 9.47 21.65 8.73
CA ASN A 109 10.57 22.12 9.56
C ASN A 109 10.78 21.24 10.78
N GLN A 110 10.23 20.02 10.75
CA GLN A 110 10.41 19.06 11.84
C GLN A 110 10.88 17.71 11.31
N LEU A 111 11.31 17.65 10.05
CA LEU A 111 11.72 16.39 9.46
C LEU A 111 13.09 15.97 9.98
N GLU A 112 13.22 14.70 10.36
CA GLU A 112 14.51 14.14 10.74
C GLU A 112 15.40 14.05 9.50
N GLY A 113 16.64 13.61 9.71
CA GLY A 113 17.57 13.40 8.63
C GLY A 113 18.53 14.55 8.38
N GLY A 114 18.29 15.70 9.00
CA GLY A 114 19.18 16.83 8.85
C GLY A 114 18.72 17.74 7.72
N PRO A 115 19.46 18.82 7.51
CA PRO A 115 19.05 19.79 6.48
C PRO A 115 19.14 19.18 5.09
N GLY A 116 18.13 19.48 4.28
CA GLY A 116 18.09 18.98 2.92
C GLY A 116 17.80 17.50 2.78
N TRP A 117 17.31 16.83 3.83
CA TRP A 117 16.97 15.42 3.65
C TRP A 117 15.80 15.26 2.68
N LEU A 118 14.75 16.06 2.83
CA LEU A 118 13.62 15.99 1.89
C LEU A 118 14.07 16.22 0.46
N ALA A 119 15.03 17.13 0.25
CA ALA A 119 15.48 17.44 -1.11
C ALA A 119 16.09 16.24 -1.82
N GLY A 120 16.66 15.29 -1.08
CA GLY A 120 17.17 14.07 -1.68
C GLY A 120 16.26 12.85 -1.60
N ALA A 121 15.02 12.99 -1.13
CA ALA A 121 14.13 11.84 -0.92
C ALA A 121 13.14 11.66 -2.07
N THR A 122 12.48 10.51 -2.07
CA THR A 122 11.37 10.23 -2.98
C THR A 122 10.12 10.07 -2.13
N VAL A 123 9.02 10.65 -2.59
CA VAL A 123 7.81 10.78 -1.79
C VAL A 123 6.69 10.13 -2.57
N THR A 124 6.00 9.17 -1.94
CA THR A 124 4.93 8.47 -2.63
C THR A 124 4.04 7.76 -1.62
N TRP A 125 3.01 7.08 -2.13
CA TRP A 125 2.18 6.23 -1.30
C TRP A 125 2.80 4.85 -1.24
N ARG A 126 2.63 4.17 -0.10
CA ARG A 126 3.12 2.80 0.04
C ARG A 126 2.63 1.91 -1.10
N GLY A 127 1.36 2.04 -1.47
CA GLY A 127 0.80 1.20 -2.53
C GLY A 127 1.45 1.38 -3.88
N HIS A 128 1.97 2.58 -4.16
CA HIS A 128 2.75 2.77 -5.39
C HIS A 128 4.03 1.95 -5.34
N LEU A 129 4.73 1.97 -4.22
CA LEU A 129 5.94 1.15 -4.08
C LEU A 129 5.60 -0.35 -4.15
N THR A 130 4.48 -0.76 -3.57
CA THR A 130 4.08 -2.18 -3.67
C THR A 130 3.97 -2.64 -5.11
N LYS A 131 3.39 -1.79 -5.98
CA LYS A 131 3.24 -2.14 -7.39
C LYS A 131 4.58 -2.27 -8.10
N LEU A 132 5.56 -1.44 -7.71
CA LEU A 132 6.90 -1.60 -8.25
C LEU A 132 7.51 -2.95 -7.86
N LEU A 133 7.41 -3.29 -6.57
CA LEU A 133 8.01 -4.52 -6.06
C LEU A 133 7.49 -5.74 -6.80
N THR A 134 6.19 -5.81 -7.07
CA THR A 134 5.64 -7.01 -7.68
C THR A 134 5.75 -7.01 -9.19
N THR A 135 6.25 -5.93 -9.78
CA THR A 135 6.30 -5.84 -11.25
C THR A 135 7.05 -6.99 -11.91
N PRO A 136 8.22 -7.45 -11.43
CA PRO A 136 8.89 -8.55 -12.14
C PRO A 136 8.05 -9.81 -12.25
N TYR A 137 7.04 -9.98 -11.39
CA TYR A 137 6.23 -11.19 -11.39
C TYR A 137 4.80 -10.97 -11.87
N GLU A 138 4.38 -9.73 -12.09
CA GLU A 138 2.99 -9.46 -12.43
C GLU A 138 2.73 -9.79 -13.90
N ARG A 139 1.63 -10.50 -14.17
CA ARG A 139 1.29 -10.83 -15.55
C ARG A 139 -0.10 -10.38 -16.00
N GLN A 140 -0.88 -9.74 -15.12
CA GLN A 140 -2.22 -9.30 -15.47
C GLN A 140 -2.35 -7.79 -15.59
N GLU A 141 -2.00 -7.03 -14.56
CA GLU A 141 -2.31 -5.61 -14.48
C GLU A 141 -1.05 -4.77 -14.63
N GLY A 142 -1.06 -3.84 -15.58
CA GLY A 142 0.00 -2.87 -15.72
C GLY A 142 -0.25 -1.63 -14.88
N TRP A 143 0.59 -0.61 -15.07
CA TRP A 143 0.46 0.59 -14.27
C TRP A 143 1.11 1.77 -14.98
N GLN A 144 0.79 2.96 -14.46
CA GLN A 144 1.39 4.20 -14.91
C GLN A 144 1.71 5.03 -13.67
N LEU A 145 2.92 5.59 -13.62
CA LEU A 145 3.37 6.42 -12.51
C LEU A 145 3.79 7.77 -13.04
N ALA A 146 3.19 8.84 -12.52
CA ALA A 146 3.59 10.21 -12.86
C ALA A 146 4.68 10.68 -11.91
N ALA A 147 5.73 11.29 -12.45
CA ALA A 147 6.85 11.75 -11.63
C ALA A 147 7.14 13.22 -11.89
N SER A 148 7.28 14.01 -10.82
CA SER A 148 7.67 15.41 -10.91
C SER A 148 8.75 15.70 -9.88
N ARG A 149 9.78 16.44 -10.28
CA ARG A 149 10.82 16.88 -9.34
C ARG A 149 10.52 18.31 -8.93
N PHE A 150 10.56 18.57 -7.62
CA PHE A 150 10.27 19.91 -7.12
C PHE A 150 11.15 20.17 -5.90
N GLN A 151 12.05 21.16 -6.02
CA GLN A 151 13.03 21.46 -4.96
C GLN A 151 13.85 20.23 -4.60
N GLY A 152 14.35 19.55 -5.62
CA GLY A 152 15.16 18.33 -5.47
C GLY A 152 14.36 17.04 -5.28
N THR A 153 13.35 17.10 -4.41
CA THR A 153 12.50 15.96 -4.10
C THR A 153 11.82 15.39 -5.33
N LEU A 154 11.82 14.07 -5.45
CA LEU A 154 11.08 13.40 -6.52
C LEU A 154 9.74 12.89 -5.98
N TYR A 155 8.64 13.28 -6.63
CA TYR A 155 7.30 12.85 -6.22
C TYR A 155 6.76 11.87 -7.24
N LEU A 156 6.18 10.77 -6.76
CA LEU A 156 5.64 9.70 -7.60
C LEU A 156 4.17 9.52 -7.26
N SER A 157 3.31 9.66 -8.26
CA SER A 157 1.88 9.58 -8.04
C SER A 157 1.30 8.69 -9.11
N GLU A 158 0.49 7.71 -8.69
CA GLU A 158 -0.05 6.75 -9.63
C GLU A 158 -1.13 7.39 -10.49
N VAL A 159 -1.16 7.03 -11.77
CA VAL A 159 -2.22 7.44 -12.70
C VAL A 159 -3.05 6.21 -13.04
N GLU A 160 -4.39 6.35 -13.01
CA GLU A 160 -5.24 5.21 -13.36
C GLU A 160 -5.19 4.98 -14.87
N THR A 161 -4.77 3.79 -15.28
CA THR A 161 -4.67 3.49 -16.70
C THR A 161 -6.07 3.49 -17.34
N PRO A 162 -6.16 3.77 -18.64
CA PRO A 162 -7.48 3.70 -19.29
C PRO A 162 -8.13 2.33 -19.17
N ALA A 163 -7.33 1.26 -19.25
CA ALA A 163 -7.89 -0.08 -19.11
C ALA A 163 -8.42 -0.31 -17.69
N ALA A 164 -7.71 0.17 -16.68
CA ALA A 164 -8.17 -0.05 -15.31
C ALA A 164 -9.41 0.79 -15.02
N ARG A 165 -9.53 1.95 -15.65
CA ARG A 165 -10.75 2.74 -15.48
CA ARG A 165 -10.75 2.74 -15.49
C ARG A 165 -11.96 1.99 -16.04
N ALA A 166 -11.82 1.43 -17.25
CA ALA A 166 -12.90 0.65 -17.85
C ALA A 166 -13.27 -0.56 -17.00
N GLN A 167 -12.26 -1.24 -16.45
CA GLN A 167 -12.52 -2.36 -15.54
C GLN A 167 -13.28 -1.90 -14.30
N ARG A 168 -12.91 -0.73 -13.76
CA ARG A 168 -13.59 -0.21 -12.58
C ARG A 168 -15.04 0.12 -12.89
N LEU A 169 -15.31 0.75 -14.04
CA LEU A 169 -16.68 1.10 -14.39
C LEU A 169 -17.53 -0.15 -14.64
N ALA A 170 -16.94 -1.18 -15.25
CA ALA A 170 -17.62 -2.44 -15.56
C ALA A 170 -17.44 -3.47 -14.44
N ARG A 171 -17.37 -3.03 -13.20
CA ARG A 171 -17.13 -3.94 -12.09
C ARG A 171 -18.30 -4.89 -11.92
N PRO A 172 -18.10 -6.21 -11.98
CA PRO A 172 -19.22 -7.12 -11.82
C PRO A 172 -19.83 -7.00 -10.44
N PRO A 173 -21.12 -7.31 -10.29
CA PRO A 173 -21.75 -7.24 -8.95
C PRO A 173 -21.07 -8.12 -7.91
N LEU A 174 -20.59 -9.31 -8.27
CA LEU A 174 -19.98 -10.17 -7.28
C LEU A 174 -18.64 -9.63 -6.81
N LEU A 175 -17.87 -9.02 -7.72
CA LEU A 175 -16.62 -8.36 -7.34
C LEU A 175 -16.87 -7.17 -6.41
N ARG A 176 -17.97 -6.45 -6.62
N ARG A 176 -17.98 -6.46 -6.60
CA ARG A 176 -18.33 -5.35 -5.73
CA ARG A 176 -18.31 -5.35 -5.71
C ARG A 176 -18.60 -5.85 -4.32
C ARG A 176 -18.64 -5.84 -4.31
N GLU A 177 -19.33 -6.98 -4.20
CA GLU A 177 -19.62 -7.51 -2.88
C GLU A 177 -18.35 -8.08 -2.23
N LEU A 178 -17.46 -8.68 -3.01
CA LEU A 178 -16.20 -9.17 -2.44
C LEU A 178 -15.33 -8.03 -1.93
N MET A 179 -15.37 -6.86 -2.60
CA MET A 179 -14.67 -5.70 -2.08
C MET A 179 -15.24 -5.28 -0.73
N TYR A 180 -16.55 -5.27 -0.59
CA TYR A 180 -17.16 -4.97 0.70
C TYR A 180 -16.72 -5.96 1.77
N MET A 181 -16.60 -7.24 1.42
CA MET A 181 -16.32 -8.27 2.43
C MET A 181 -14.93 -8.10 3.04
N GLY A 182 -13.96 -7.64 2.26
CA GLY A 182 -12.64 -7.37 2.82
C GLY A 182 -12.66 -6.29 3.87
N TYR A 183 -13.45 -5.22 3.64
CA TYR A 183 -13.58 -4.15 4.63
C TYR A 183 -14.41 -4.60 5.83
N LYS A 184 -15.47 -5.38 5.59
CA LYS A 184 -16.30 -5.88 6.67
C LYS A 184 -15.50 -6.77 7.62
N PHE A 185 -14.59 -7.58 7.08
CA PHE A 185 -13.73 -8.42 7.93
C PHE A 185 -13.03 -7.60 9.00
N GLU A 186 -12.47 -6.44 8.63
CA GLU A 186 -11.79 -5.58 9.59
C GLU A 186 -12.72 -5.18 10.73
N GLN A 187 -13.99 -4.94 10.42
CA GLN A 187 -14.96 -4.57 11.44
C GLN A 187 -15.21 -5.68 12.45
N TYR A 188 -15.06 -6.94 12.04
CA TYR A 188 -15.18 -8.04 12.99
C TYR A 188 -13.94 -8.24 13.83
N MET A 189 -12.82 -7.60 13.47
CA MET A 189 -11.54 -7.87 14.12
C MET A 189 -10.98 -6.69 14.89
N CYS A 190 -11.61 -5.52 14.85
CA CYS A 190 -11.08 -4.30 15.40
C CYS A 190 -12.11 -3.61 16.28
N ALA A 191 -11.62 -2.99 17.33
CA ALA A 191 -12.42 -2.22 18.26
C ALA A 191 -11.91 -0.79 18.25
N ASP A 192 -12.75 0.15 18.69
CA ASP A 192 -12.36 1.55 18.63
C ASP A 192 -11.47 1.97 19.80
N LYS A 193 -11.45 1.20 20.89
CA LYS A 193 -10.60 1.47 22.03
C LYS A 193 -9.85 0.22 22.43
N PRO A 194 -8.65 0.36 22.98
CA PRO A 194 -7.87 -0.83 23.38
C PRO A 194 -8.63 -1.66 24.40
N GLY A 195 -8.64 -2.98 24.18
CA GLY A 195 -9.37 -3.89 25.03
C GLY A 195 -10.86 -3.94 24.79
N GLY A 196 -11.41 -3.05 23.97
CA GLY A 196 -12.82 -3.07 23.65
C GLY A 196 -13.19 -4.24 22.75
N SER A 197 -14.48 -4.28 22.42
CA SER A 197 -14.95 -5.38 21.59
C SER A 197 -15.45 -4.86 20.24
N PRO A 198 -15.29 -5.65 19.18
CA PRO A 198 -15.76 -5.20 17.86
C PRO A 198 -17.26 -4.98 17.86
N ASP A 199 -17.71 -4.11 16.95
CA ASP A 199 -19.12 -3.78 16.79
C ASP A 199 -19.50 -3.93 15.32
N PRO A 200 -19.95 -5.13 14.91
CA PRO A 200 -20.30 -5.34 13.50
C PRO A 200 -21.61 -4.68 13.10
N SER A 201 -22.35 -4.13 14.05
CA SER A 201 -23.64 -3.53 13.76
C SER A 201 -23.52 -2.21 13.01
N GLY A 202 -22.33 -1.60 12.97
CA GLY A 202 -22.18 -0.29 12.39
C GLY A 202 -22.13 -0.33 10.87
N GLU A 203 -21.72 0.80 10.30
CA GLU A 203 -21.60 0.91 8.85
C GLU A 203 -20.13 0.78 8.42
N VAL A 204 -19.95 0.21 7.23
CA VAL A 204 -18.64 0.16 6.59
C VAL A 204 -18.50 1.41 5.73
N ASN A 205 -17.65 2.34 6.16
CA ASN A 205 -17.43 3.62 5.48
C ASN A 205 -15.97 3.64 5.02
N THR A 206 -15.75 3.46 3.73
CA THR A 206 -14.37 3.37 3.26
C THR A 206 -13.75 4.74 2.98
N ASN A 207 -14.41 5.83 3.41
CA ASN A 207 -13.72 7.10 3.49
C ASN A 207 -12.79 7.17 4.68
N VAL A 208 -13.07 6.39 5.72
CA VAL A 208 -12.29 6.42 6.96
C VAL A 208 -10.98 5.70 6.74
N ALA A 209 -9.87 6.32 7.14
CA ALA A 209 -8.58 5.68 7.02
C ALA A 209 -7.61 6.25 8.05
N TYR A 210 -6.78 5.38 8.61
CA TYR A 210 -5.62 5.76 9.41
C TYR A 210 -4.38 5.51 8.57
N CYS A 211 -3.51 6.52 8.48
CA CYS A 211 -2.33 6.42 7.62
C CYS A 211 -1.08 6.68 8.46
N SER A 212 -0.09 5.81 8.33
CA SER A 212 1.18 5.99 9.01
C SER A 212 2.16 6.62 8.01
N VAL A 213 2.97 7.58 8.47
CA VAL A 213 3.97 8.23 7.61
C VAL A 213 5.33 7.71 8.01
N LEU A 214 6.04 7.08 7.07
CA LEU A 214 7.29 6.39 7.36
C LEU A 214 8.49 6.93 6.58
N ARG A 215 9.66 6.82 7.18
CA ARG A 215 10.92 7.05 6.50
C ARG A 215 11.62 5.72 6.26
N SER A 216 12.18 5.54 5.07
CA SER A 216 13.06 4.40 4.83
C SER A 216 14.10 4.79 3.78
N ARG A 217 14.82 3.79 3.29
N ARG A 217 14.86 3.80 3.33
CA ARG A 217 15.85 4.00 2.28
CA ARG A 217 15.83 4.00 2.26
C ARG A 217 16.12 2.67 1.59
C ARG A 217 16.06 2.66 1.59
N LEU A 218 16.05 2.66 0.27
CA LEU A 218 16.31 1.47 -0.52
C LEU A 218 17.54 1.75 -1.37
N GLY A 219 18.58 0.93 -1.21
CA GLY A 219 19.86 1.29 -1.81
C GLY A 219 20.27 2.65 -1.30
N ASN A 220 20.66 3.54 -2.22
CA ASN A 220 20.97 4.93 -1.87
C ASN A 220 19.78 5.87 -2.10
N HIS A 221 18.56 5.37 -2.06
CA HIS A 221 17.39 6.21 -2.34
C HIS A 221 16.56 6.41 -1.08
N PRO A 222 16.67 7.56 -0.40
CA PRO A 222 15.80 7.82 0.76
C PRO A 222 14.34 7.91 0.33
N LEU A 223 13.45 7.46 1.23
CA LEU A 223 12.03 7.32 0.94
C LEU A 223 11.22 7.92 2.07
N LEU A 224 10.16 8.65 1.69
CA LEU A 224 9.14 9.12 2.61
C LEU A 224 7.82 8.66 2.02
N PHE A 225 7.07 7.86 2.75
CA PHE A 225 5.84 7.37 2.16
C PHE A 225 4.82 7.16 3.27
N SER A 226 3.56 7.16 2.86
N SER A 226 3.56 7.15 2.87
CA SER A 226 2.46 6.94 3.78
CA SER A 226 2.48 6.92 3.79
C SER A 226 1.69 5.70 3.36
C SER A 226 1.72 5.68 3.36
N GLY A 227 1.17 4.98 4.35
CA GLY A 227 0.40 3.79 4.07
C GLY A 227 -0.75 3.62 5.02
N GLU A 228 -1.92 3.22 4.52
CA GLU A 228 -3.02 2.92 5.41
C GLU A 228 -2.66 1.74 6.29
N VAL A 229 -3.04 1.82 7.56
CA VAL A 229 -2.77 0.79 8.55
C VAL A 229 -4.10 0.34 9.12
N ASP A 230 -4.27 -0.99 9.24
CA ASP A 230 -5.58 -1.54 9.64
C ASP A 230 -5.82 -1.37 11.13
N CYS A 231 -4.83 -1.70 11.97
CA CYS A 231 -5.07 -1.69 13.40
C CYS A 231 -3.74 -1.84 14.15
N LEU A 232 -3.78 -1.46 15.42
CA LEU A 232 -2.66 -1.60 16.34
C LEU A 232 -2.99 -2.75 17.30
N ASN A 233 -2.02 -3.63 17.55
CA ASN A 233 -2.24 -4.76 18.44
C ASN A 233 -1.75 -4.39 19.83
N PRO A 234 -2.64 -4.10 20.77
CA PRO A 234 -2.17 -3.77 22.13
C PRO A 234 -1.66 -4.99 22.89
N GLN A 235 -1.94 -6.21 22.44
CA GLN A 235 -1.41 -7.41 23.08
C GLN A 235 0.00 -7.75 22.61
N ALA A 236 0.50 -7.07 21.58
CA ALA A 236 1.84 -7.38 21.10
C ALA A 236 2.88 -6.97 22.14
N PRO A 237 3.92 -7.77 22.34
CA PRO A 237 4.96 -7.40 23.31
C PRO A 237 5.73 -6.16 22.90
N CYS A 238 5.88 -5.91 21.61
CA CYS A 238 6.49 -4.69 21.11
C CYS A 238 5.37 -3.68 20.86
N THR A 239 5.56 -2.44 21.32
CA THR A 239 4.54 -1.43 21.07
C THR A 239 5.05 -0.16 20.39
N GLN A 240 6.32 -0.09 20.01
CA GLN A 240 6.79 1.04 19.19
C GLN A 240 6.36 0.82 17.74
N PRO A 241 5.57 1.72 17.16
CA PRO A 241 5.20 1.55 15.75
C PRO A 241 6.43 1.63 14.88
N PRO A 242 6.40 0.99 13.69
CA PRO A 242 5.27 0.24 13.14
C PRO A 242 5.19 -1.23 13.56
N SER A 243 5.98 -1.63 14.56
CA SER A 243 6.07 -3.04 14.91
C SER A 243 4.83 -3.52 15.67
N CYS A 244 4.03 -2.61 16.21
CA CYS A 244 2.79 -2.94 16.89
C CYS A 244 1.58 -2.96 15.94
N TYR A 245 1.77 -2.76 14.64
CA TYR A 245 0.67 -2.77 13.68
C TYR A 245 0.39 -4.17 13.15
N VAL A 246 -0.84 -4.38 12.67
CA VAL A 246 -1.28 -5.66 12.12
C VAL A 246 -2.02 -5.37 10.82
N GLU A 247 -1.73 -6.17 9.80
CA GLU A 247 -2.42 -6.05 8.51
C GLU A 247 -3.48 -7.14 8.42
N LEU A 248 -4.70 -6.77 8.02
CA LEU A 248 -5.80 -7.72 7.92
C LEU A 248 -6.09 -8.03 6.46
N LYS A 249 -6.35 -9.31 6.16
CA LYS A 249 -6.57 -9.78 4.80
C LYS A 249 -7.61 -10.88 4.81
N THR A 250 -8.34 -11.01 3.70
CA THR A 250 -9.14 -12.21 3.50
C THR A 250 -8.65 -12.98 2.28
N SER A 251 -9.02 -14.25 2.24
CA SER A 251 -8.70 -15.15 1.14
C SER A 251 -9.70 -16.29 1.18
N LYS A 252 -9.87 -16.96 0.04
CA LYS A 252 -10.73 -18.13 0.01
C LYS A 252 -10.09 -19.30 0.76
N GLU A 253 -10.93 -20.09 1.42
CA GLU A 253 -10.42 -21.28 2.08
C GLU A 253 -9.84 -22.24 1.06
N MET A 254 -8.82 -22.97 1.48
CA MET A 254 -8.10 -23.87 0.60
C MET A 254 -8.09 -25.28 1.17
N HIS A 255 -8.16 -26.25 0.28
CA HIS A 255 -8.18 -27.67 0.64
C HIS A 255 -7.02 -28.45 0.08
N SER A 256 -6.78 -28.36 -1.22
CA SER A 256 -5.74 -29.04 -1.98
C SER A 256 -4.37 -28.43 -1.68
N PRO A 257 -3.31 -29.24 -1.69
CA PRO A 257 -1.96 -28.63 -1.68
C PRO A 257 -1.68 -27.80 -2.92
N GLY A 258 -2.36 -28.06 -4.03
CA GLY A 258 -2.19 -27.22 -5.21
C GLY A 258 -2.81 -25.85 -5.03
N GLN A 259 -3.86 -25.76 -4.20
CA GLN A 259 -4.43 -24.46 -3.90
C GLN A 259 -3.50 -23.65 -2.99
N TRP A 260 -2.98 -24.29 -1.94
CA TRP A 260 -2.00 -23.62 -1.09
C TRP A 260 -0.80 -23.14 -1.91
N ARG A 261 -0.32 -23.98 -2.82
CA ARG A 261 0.83 -23.59 -3.65
C ARG A 261 0.51 -22.36 -4.49
N SER A 262 -0.69 -22.30 -5.08
CA SER A 262 -1.01 -21.14 -5.91
C SER A 262 -1.12 -19.88 -5.06
N PHE A 263 -1.68 -20.01 -3.86
CA PHE A 263 -1.72 -18.93 -2.89
C PHE A 263 -0.31 -18.44 -2.54
N TYR A 264 0.62 -19.37 -2.26
CA TYR A 264 1.98 -18.96 -1.92
C TYR A 264 2.64 -18.19 -3.04
N ARG A 265 2.39 -18.61 -4.29
CA ARG A 265 3.10 -18.03 -5.43
C ARG A 265 2.55 -16.69 -5.87
N HIS A 266 1.26 -16.43 -5.65
CA HIS A 266 0.64 -15.22 -6.18
C HIS A 266 0.15 -14.29 -5.06
N LYS A 267 -0.81 -14.73 -4.24
CA LYS A 267 -1.35 -13.82 -3.25
C LYS A 267 -0.29 -13.43 -2.22
N LEU A 268 0.49 -14.40 -1.73
CA LEU A 268 1.43 -14.12 -0.66
C LEU A 268 2.50 -13.13 -1.10
N LEU A 269 2.89 -13.15 -2.37
CA LEU A 269 3.85 -12.16 -2.85
C LEU A 269 3.32 -10.74 -2.64
N LYS A 270 2.03 -10.50 -2.92
CA LYS A 270 1.48 -9.15 -2.75
C LYS A 270 1.27 -8.80 -1.29
N TRP A 271 0.91 -9.78 -0.46
CA TRP A 271 0.86 -9.54 0.98
C TRP A 271 2.24 -9.19 1.53
N TRP A 272 3.28 -9.89 1.07
CA TRP A 272 4.63 -9.62 1.54
C TRP A 272 5.07 -8.21 1.14
N ALA A 273 4.94 -7.88 -0.14
CA ALA A 273 5.35 -6.57 -0.63
C ALA A 273 4.70 -5.45 0.18
N GLN A 274 3.39 -5.54 0.38
CA GLN A 274 2.65 -4.47 1.04
C GLN A 274 3.09 -4.28 2.48
N SER A 275 3.32 -5.36 3.20
CA SER A 275 3.65 -5.27 4.61
C SER A 275 5.14 -5.15 4.89
N PHE A 276 5.99 -5.60 3.96
CA PHE A 276 7.42 -5.48 4.18
C PHE A 276 7.87 -4.02 4.14
N LEU A 277 7.38 -3.25 3.17
CA LEU A 277 7.79 -1.86 3.01
C LEU A 277 7.63 -1.02 4.28
N PRO A 278 6.48 -1.01 4.96
CA PRO A 278 6.37 -0.20 6.17
C PRO A 278 6.80 -0.91 7.44
N GLY A 279 7.29 -2.16 7.34
CA GLY A 279 7.73 -2.89 8.51
C GLY A 279 6.60 -3.42 9.35
N VAL A 280 5.45 -3.74 8.76
CA VAL A 280 4.36 -4.35 9.50
C VAL A 280 4.69 -5.83 9.61
N PRO A 281 4.82 -6.36 10.83
CA PRO A 281 5.41 -7.70 10.99
C PRO A 281 4.43 -8.87 10.88
N HIS A 282 3.12 -8.66 10.96
CA HIS A 282 2.19 -9.78 10.89
C HIS A 282 1.02 -9.43 9.97
N VAL A 283 0.62 -10.39 9.14
CA VAL A 283 -0.64 -10.36 8.43
C VAL A 283 -1.54 -11.40 9.06
N VAL A 284 -2.76 -11.02 9.39
CA VAL A 284 -3.76 -11.94 9.93
C VAL A 284 -4.79 -12.16 8.84
N ALA A 285 -4.93 -13.40 8.40
CA ALA A 285 -5.79 -13.71 7.27
C ALA A 285 -7.05 -14.41 7.78
N GLY A 286 -8.20 -13.99 7.26
CA GLY A 286 -9.44 -14.70 7.48
C GLY A 286 -9.80 -15.46 6.22
N PHE A 287 -9.98 -16.78 6.36
CA PHE A 287 -10.31 -17.62 5.22
C PHE A 287 -11.82 -17.81 5.16
N ARG A 288 -12.42 -17.50 4.02
CA ARG A 288 -13.87 -17.47 3.91
C ARG A 288 -14.36 -18.63 3.05
N ASN A 289 -15.49 -19.20 3.43
CA ASN A 289 -16.08 -20.28 2.64
C ASN A 289 -16.86 -19.70 1.48
N PRO A 290 -17.37 -20.54 0.57
CA PRO A 290 -18.14 -20.01 -0.56
C PRO A 290 -19.40 -19.25 -0.18
N GLU A 291 -19.92 -19.44 1.03
CA GLU A 291 -21.12 -18.72 1.45
C GLU A 291 -20.81 -17.36 2.05
N GLY A 292 -19.52 -17.00 2.18
CA GLY A 292 -19.17 -15.68 2.65
C GLY A 292 -19.01 -15.56 4.15
N PHE A 293 -18.65 -16.64 4.83
CA PHE A 293 -18.33 -16.61 6.26
C PHE A 293 -16.86 -16.92 6.44
N VAL A 294 -16.24 -16.25 7.41
CA VAL A 294 -14.87 -16.55 7.82
C VAL A 294 -14.95 -17.57 8.94
N CYS A 295 -14.41 -18.78 8.72
CA CYS A 295 -14.41 -19.79 9.78
C CYS A 295 -13.01 -20.24 10.17
N SER A 296 -11.99 -19.50 9.76
CA SER A 296 -10.60 -19.85 10.07
C SER A 296 -9.77 -18.57 10.02
N LEU A 297 -8.89 -18.41 11.01
CA LEU A 297 -7.95 -17.31 11.08
C LEU A 297 -6.54 -17.88 11.12
N LYS A 298 -5.62 -17.23 10.41
CA LYS A 298 -4.22 -17.67 10.41
C LYS A 298 -3.32 -16.44 10.38
N THR A 299 -2.29 -16.45 11.19
CA THR A 299 -1.32 -15.35 11.23
C THR A 299 -0.14 -15.70 10.33
N PHE A 300 0.26 -14.75 9.49
CA PHE A 300 1.43 -14.92 8.62
C PHE A 300 2.48 -13.89 8.97
N PRO A 301 3.55 -14.27 9.67
CA PRO A 301 4.64 -13.31 9.91
C PRO A 301 5.26 -12.88 8.60
N THR A 302 5.34 -11.56 8.39
CA THR A 302 5.91 -11.02 7.16
C THR A 302 7.28 -11.61 6.84
N MET A 303 8.16 -11.70 7.84
CA MET A 303 9.53 -12.14 7.56
C MET A 303 9.65 -13.63 7.29
N GLU A 304 8.55 -14.39 7.39
CA GLU A 304 8.56 -15.81 7.08
C GLU A 304 7.83 -16.14 5.79
N MET A 305 7.24 -15.15 5.12
CA MET A 305 6.39 -15.43 3.96
C MET A 305 7.20 -16.07 2.84
N PHE A 306 8.40 -15.55 2.61
CA PHE A 306 9.25 -16.08 1.55
C PHE A 306 9.63 -17.54 1.80
N GLU A 307 9.58 -18.01 3.04
CA GLU A 307 9.97 -19.40 3.31
C GLU A 307 9.08 -20.38 2.56
N ASN A 308 7.84 -19.99 2.25
CA ASN A 308 6.94 -20.89 1.55
C ASN A 308 7.28 -21.04 0.07
N VAL A 309 8.18 -20.23 -0.48
CA VAL A 309 8.52 -20.38 -1.89
C VAL A 309 10.02 -20.39 -2.10
N ARG A 310 10.77 -20.42 -1.00
CA ARG A 310 12.23 -20.35 -1.08
C ARG A 310 12.82 -21.40 -2.02
N ASN A 311 12.26 -22.61 -2.02
CA ASN A 311 12.77 -23.65 -2.91
C ASN A 311 11.71 -24.08 -3.91
N ASP A 312 11.10 -23.11 -4.59
CA ASP A 312 10.03 -23.33 -5.54
C ASP A 312 10.47 -22.77 -6.90
N ARG A 313 10.55 -23.65 -7.89
CA ARG A 313 10.93 -23.23 -9.24
C ARG A 313 10.01 -22.16 -9.80
N GLU A 314 8.76 -22.09 -9.34
CA GLU A 314 7.86 -21.04 -9.81
C GLU A 314 7.56 -20.01 -8.73
N GLY A 315 8.38 -19.92 -7.70
CA GLY A 315 8.15 -18.97 -6.63
C GLY A 315 8.66 -17.58 -6.97
N TRP A 316 8.51 -16.68 -6.01
CA TRP A 316 9.03 -15.32 -6.11
C TRP A 316 10.20 -15.14 -5.15
N ASN A 317 11.00 -14.11 -5.42
CA ASN A 317 12.23 -13.85 -4.67
C ASN A 317 12.22 -12.40 -4.22
N PRO A 318 12.18 -12.12 -2.93
CA PRO A 318 12.18 -10.73 -2.44
C PRO A 318 13.37 -9.91 -2.96
N SER A 319 14.51 -10.54 -3.20
CA SER A 319 15.66 -9.82 -3.74
C SER A 319 15.39 -9.31 -5.14
N VAL A 320 14.66 -10.10 -5.94
CA VAL A 320 14.28 -9.63 -7.28
C VAL A 320 13.37 -8.42 -7.17
N CYS A 321 12.36 -8.48 -6.30
CA CYS A 321 11.45 -7.36 -6.10
C CYS A 321 12.22 -6.10 -5.71
N MET A 322 13.05 -6.18 -4.67
CA MET A 322 13.73 -5.01 -4.14
C MET A 322 14.77 -4.47 -5.11
N ASN A 323 15.52 -5.35 -5.77
CA ASN A 323 16.50 -4.90 -6.74
C ASN A 323 15.83 -4.22 -7.94
N PHE A 324 14.67 -4.71 -8.37
CA PHE A 324 14.00 -4.03 -9.47
C PHE A 324 13.52 -2.65 -9.04
N CYS A 325 12.96 -2.56 -7.83
CA CYS A 325 12.44 -1.28 -7.34
C CYS A 325 13.59 -0.27 -7.20
N ALA A 326 14.76 -0.73 -6.74
CA ALA A 326 15.94 0.15 -6.68
C ALA A 326 16.38 0.58 -8.07
N ALA A 327 16.39 -0.36 -9.02
CA ALA A 327 16.71 0.03 -10.39
C ALA A 327 15.69 1.03 -10.93
N PHE A 328 14.40 0.86 -10.59
CA PHE A 328 13.41 1.82 -11.11
C PHE A 328 13.64 3.22 -10.50
N LEU A 329 13.85 3.28 -9.19
CA LEU A 329 14.14 4.56 -8.55
C LEU A 329 15.36 5.23 -9.18
N SER A 330 16.40 4.45 -9.48
N SER A 330 16.40 4.45 -9.49
CA SER A 330 17.56 5.02 -10.16
CA SER A 330 17.56 5.02 -10.17
C SER A 330 17.21 5.44 -11.58
C SER A 330 17.22 5.44 -11.59
N PHE A 331 16.39 4.64 -12.27
CA PHE A 331 15.93 5.01 -13.60
C PHE A 331 15.12 6.29 -13.56
N ALA A 332 14.20 6.40 -12.59
CA ALA A 332 13.38 7.58 -12.46
C ALA A 332 14.22 8.81 -12.10
N GLN A 333 15.15 8.65 -11.14
CA GLN A 333 15.95 9.80 -10.72
C GLN A 333 16.75 10.36 -11.89
N SER A 334 17.34 9.49 -12.71
N SER A 334 17.34 9.49 -12.70
CA SER A 334 18.16 9.96 -13.81
CA SER A 334 18.16 9.94 -13.82
C SER A 334 17.34 10.48 -14.98
C SER A 334 17.34 10.45 -14.99
N THR A 335 16.10 9.99 -15.14
CA THR A 335 15.26 10.47 -16.23
C THR A 335 14.65 11.83 -15.94
N VAL A 336 14.31 12.12 -14.67
CA VAL A 336 13.64 13.37 -14.31
C VAL A 336 14.73 14.37 -13.90
N VAL A 337 15.30 15.06 -14.89
CA VAL A 337 16.35 16.03 -14.60
C VAL A 337 15.78 17.40 -14.26
N GLN A 338 14.76 17.85 -14.97
CA GLN A 338 14.22 19.18 -14.75
C GLN A 338 13.47 19.28 -13.42
N ASP A 339 13.84 20.26 -12.60
CA ASP A 339 13.14 20.61 -11.37
C ASP A 339 12.01 21.58 -11.72
N ASP A 340 10.76 21.05 -11.80
CA ASP A 340 9.60 21.83 -12.24
C ASP A 340 8.31 21.13 -11.81
N PRO A 341 7.55 21.69 -10.89
CA PRO A 341 6.36 20.99 -10.40
C PRO A 341 5.23 20.89 -11.43
N ARG A 342 5.34 21.54 -12.57
CA ARG A 342 4.36 21.45 -13.63
C ARG A 342 4.72 20.44 -14.69
N LEU A 343 5.94 19.91 -14.66
CA LEU A 343 6.40 18.93 -15.63
C LEU A 343 6.21 17.52 -15.06
N VAL A 344 5.79 16.61 -15.91
CA VAL A 344 5.55 15.22 -15.52
C VAL A 344 6.25 14.31 -16.51
N HIS A 345 7.05 13.39 -15.99
CA HIS A 345 7.47 12.21 -16.73
C HIS A 345 6.52 11.07 -16.35
N LEU A 346 5.86 10.50 -17.35
CA LEU A 346 4.89 9.44 -17.13
C LEU A 346 5.58 8.11 -17.45
N PHE A 347 5.69 7.25 -16.43
CA PHE A 347 6.29 5.92 -16.58
C PHE A 347 5.15 4.92 -16.76
N SER A 348 5.18 4.18 -17.86
CA SER A 348 4.11 3.26 -18.22
C SER A 348 4.65 1.86 -18.33
N TRP A 349 3.92 0.90 -17.80
CA TRP A 349 4.34 -0.49 -17.87
C TRP A 349 3.15 -1.41 -18.08
N GLU A 350 3.31 -2.38 -18.97
CA GLU A 350 2.39 -3.48 -19.19
C GLU A 350 3.16 -4.80 -19.18
N PRO A 351 2.52 -5.89 -18.74
CA PRO A 351 3.19 -7.19 -18.74
C PRO A 351 3.67 -7.58 -20.14
N GLY A 352 4.86 -8.17 -20.19
CA GLY A 352 5.49 -8.55 -21.44
C GLY A 352 6.38 -7.50 -22.08
N GLY A 353 6.53 -6.32 -21.47
CA GLY A 353 7.36 -5.27 -22.01
C GLY A 353 8.13 -4.53 -20.94
N PRO A 354 8.95 -3.57 -21.36
CA PRO A 354 9.68 -2.75 -20.38
C PRO A 354 8.87 -1.57 -19.87
N VAL A 355 9.42 -0.83 -18.91
CA VAL A 355 8.84 0.45 -18.51
C VAL A 355 9.29 1.51 -19.49
N THR A 356 8.34 2.27 -20.03
CA THR A 356 8.62 3.35 -20.98
C THR A 356 8.26 4.69 -20.35
N VAL A 357 8.74 5.76 -20.99
CA VAL A 357 8.60 7.12 -20.46
C VAL A 357 8.04 8.03 -21.55
N SER A 358 7.15 8.95 -21.14
CA SER A 358 6.72 10.06 -21.97
C SER A 358 6.68 11.30 -21.09
N VAL A 359 6.70 12.48 -21.73
CA VAL A 359 6.85 13.76 -21.02
C VAL A 359 5.64 14.63 -21.27
N HIS A 360 5.12 15.24 -20.21
CA HIS A 360 3.88 16.00 -20.27
C HIS A 360 3.98 17.20 -19.35
N ARG A 361 3.28 18.27 -19.73
CA ARG A 361 3.23 19.49 -18.96
C ARG A 361 1.78 19.82 -18.61
N ASP A 362 1.57 20.31 -17.39
CA ASP A 362 0.29 20.86 -16.94
C ASP A 362 -0.80 19.77 -16.98
N ALA A 363 -2.07 20.18 -17.13
CA ALA A 363 -3.17 19.23 -17.03
C ALA A 363 -3.16 18.25 -18.21
N PRO A 364 -3.66 17.03 -18.01
CA PRO A 364 -4.22 16.48 -16.76
C PRO A 364 -3.18 15.78 -15.85
N TYR A 365 -1.94 15.58 -16.32
CA TYR A 365 -1.02 14.72 -15.57
C TYR A 365 -0.38 15.44 -14.38
N ALA A 366 -0.21 16.76 -14.44
CA ALA A 366 0.48 17.45 -13.37
C ALA A 366 -0.31 17.30 -12.08
N PHE A 367 0.37 16.98 -10.97
CA PHE A 367 -0.35 16.59 -9.77
C PHE A 367 0.04 17.35 -8.51
N LEU A 368 1.12 18.12 -8.52
CA LEU A 368 1.48 18.92 -7.35
C LEU A 368 0.61 20.18 -7.31
N PRO A 369 -0.21 20.37 -6.28
CA PRO A 369 -1.14 21.51 -6.25
C PRO A 369 -0.44 22.79 -5.85
N SER A 370 -1.05 23.91 -6.29
CA SER A 370 -0.44 25.20 -6.07
C SER A 370 -0.39 25.54 -4.58
N TRP A 371 -1.35 25.05 -3.79
CA TRP A 371 -1.27 25.34 -2.35
C TRP A 371 -0.05 24.67 -1.72
N TYR A 372 0.46 23.60 -2.32
CA TYR A 372 1.72 23.02 -1.85
C TYR A 372 2.90 23.78 -2.40
N VAL A 373 2.92 23.96 -3.72
CA VAL A 373 4.07 24.57 -4.38
C VAL A 373 4.34 25.95 -3.80
N GLU A 374 3.31 26.82 -3.79
CA GLU A 374 3.52 28.20 -3.34
C GLU A 374 3.99 28.26 -1.89
N THR A 375 3.48 27.37 -1.04
CA THR A 375 3.93 27.41 0.35
C THR A 375 5.37 26.95 0.47
N MET A 376 5.75 25.94 -0.32
CA MET A 376 7.13 25.45 -0.29
C MET A 376 8.09 26.46 -0.93
N THR A 377 7.61 27.27 -1.87
CA THR A 377 8.46 28.32 -2.45
C THR A 377 8.81 29.38 -1.41
N GLN A 378 7.82 29.87 -0.69
CA GLN A 378 8.03 30.99 0.23
C GLN A 378 8.84 30.59 1.46
#